data_5DPO
#
_entry.id   5DPO
#
_cell.length_a   35.679
_cell.length_b   35.679
_cell.length_c   178.745
_cell.angle_alpha   90.00
_cell.angle_beta   90.00
_cell.angle_gamma   90.00
#
_symmetry.space_group_name_H-M   'P 43 21 2'
#
loop_
_entity.id
_entity.type
_entity.pdbx_description
1 polymer 'Uncharacterized protein'
2 water water
#
_entity_poly.entity_id   1
_entity_poly.type   'polypeptide(L)'
_entity_poly.pdbx_seq_one_letter_code
;(MSE)(MSE)SREKAAGTFFKDYQKKNV(MSE)RLLQDSLEKIINEWLKTDDESHTKLKSLQELSE(MSE)DINATSFAE
HSPLPDFVTRLWLDPHKALDA(MSE)DKNISKNEIRKLIKETAREIELVFTHQKAPDYS
;
_entity_poly.pdbx_strand_id   A
#
# COMPACT_ATOMS: atom_id res chain seq x y z
N PHE A 11 -18.83 5.44 -12.20
CA PHE A 11 -17.63 5.11 -12.99
C PHE A 11 -16.39 5.72 -12.37
N PHE A 12 -16.46 6.96 -11.98
CA PHE A 12 -15.34 7.59 -11.33
C PHE A 12 -15.05 6.94 -9.98
N LYS A 13 -16.07 6.61 -9.24
CA LYS A 13 -15.77 6.03 -7.92
C LYS A 13 -15.19 4.63 -8.07
N ASP A 14 -15.65 3.96 -9.04
CA ASP A 14 -15.03 2.68 -9.32
C ASP A 14 -13.58 2.89 -9.71
N TYR A 15 -13.33 3.95 -10.47
CA TYR A 15 -11.98 4.29 -10.92
C TYR A 15 -11.09 4.55 -9.72
N GLN A 16 -11.60 5.34 -8.78
CA GLN A 16 -10.86 5.67 -7.58
C GLN A 16 -10.58 4.46 -6.73
N LYS A 17 -11.57 3.58 -6.59
CA LYS A 17 -11.41 2.34 -5.83
C LYS A 17 -10.30 1.48 -6.43
N LYS A 18 -10.34 1.28 -7.74
CA LYS A 18 -9.36 0.44 -8.40
C LYS A 18 -7.95 1.02 -8.23
N ASN A 19 -7.85 2.35 -8.26
CA ASN A 19 -6.57 3.01 -8.07
C ASN A 19 -6.02 2.86 -6.65
N VAL A 20 -6.90 2.87 -5.67
CA VAL A 20 -6.49 2.66 -4.28
C VAL A 20 -6.00 1.23 -4.11
N MSE A 21 -6.71 0.29 -4.72
CA MSE A 21 -6.31 -1.12 -4.68
C MSE A 21 -4.95 -1.32 -5.33
O MSE A 21 -4.11 -2.06 -4.81
CB MSE A 21 -7.36 -1.99 -5.37
CG MSE A 21 -8.69 -2.03 -4.64
SE MSE A 21 -8.56 -2.78 -2.85
CE MSE A 21 -8.65 -4.68 -3.30
N ARG A 22 -4.71 -0.66 -6.44
CA ARG A 22 -3.39 -0.67 -7.09
C ARG A 22 -2.32 -0.08 -6.19
N LEU A 23 -2.63 0.97 -5.55
CA LEU A 23 -1.67 1.60 -4.65
C LEU A 23 -1.25 0.64 -3.54
N LEU A 24 -2.23 -0.06 -2.98
CA LEU A 24 -1.96 -1.03 -1.93
C LEU A 24 -1.15 -2.21 -2.47
N GLN A 25 -1.52 -2.69 -3.64
CA GLN A 25 -0.80 -3.81 -4.23
C GLN A 25 0.66 -3.42 -4.49
N ASP A 26 0.86 -2.19 -4.98
CA ASP A 26 2.20 -1.65 -5.22
CA ASP A 26 2.20 -1.71 -5.24
C ASP A 26 3.05 -1.67 -3.96
N SER A 27 2.47 -1.19 -2.88
CA SER A 27 3.16 -1.12 -1.60
C SER A 27 3.49 -2.51 -1.06
N LEU A 28 2.52 -3.42 -1.17
CA LEU A 28 2.73 -4.81 -0.75
C LEU A 28 3.89 -5.43 -1.51
N GLU A 29 3.91 -5.23 -2.82
CA GLU A 29 4.96 -5.78 -3.66
C GLU A 29 6.32 -5.22 -3.28
N LYS A 30 6.42 -3.91 -3.11
CA LYS A 30 7.70 -3.27 -2.81
CA LYS A 30 7.70 -3.29 -2.82
C LYS A 30 8.25 -3.75 -1.48
N ILE A 31 7.41 -3.78 -0.47
CA ILE A 31 7.84 -4.17 0.86
C ILE A 31 8.17 -5.66 0.95
N ILE A 32 7.33 -6.51 0.38
CA ILE A 32 7.58 -7.95 0.43
C ILE A 32 8.79 -8.35 -0.40
N ASN A 33 8.96 -7.76 -1.59
CA ASN A 33 10.11 -8.10 -2.40
C ASN A 33 11.43 -7.70 -1.76
N GLU A 34 11.47 -6.54 -1.11
CA GLU A 34 12.68 -6.10 -0.41
C GLU A 34 13.00 -7.05 0.75
N TRP A 35 11.95 -7.45 1.47
CA TRP A 35 12.08 -8.34 2.62
C TRP A 35 12.57 -9.74 2.22
N LEU A 36 12.10 -10.25 1.09
CA LEU A 36 12.47 -11.59 0.63
C LEU A 36 13.94 -11.76 0.24
N LYS A 37 14.59 -10.66 -0.11
N LYS A 37 14.62 -10.68 -0.13
CA LYS A 37 15.96 -10.67 -0.61
CA LYS A 37 15.97 -10.85 -0.66
C LYS A 37 16.95 -11.17 0.44
C LYS A 37 16.99 -11.14 0.44
N THR A 38 16.57 -11.05 1.71
CA THR A 38 17.41 -11.49 2.81
C THR A 38 16.76 -12.63 3.58
N ASP A 39 16.18 -13.57 2.85
CA ASP A 39 15.64 -14.78 3.48
C ASP A 39 16.79 -15.67 3.93
N ASP A 40 16.55 -16.49 4.94
CA ASP A 40 17.58 -17.40 5.43
C ASP A 40 17.60 -18.67 4.60
N GLU A 41 18.54 -19.55 4.92
CA GLU A 41 18.73 -20.78 4.19
C GLU A 41 17.52 -21.72 4.32
N SER A 42 16.77 -21.60 5.42
CA SER A 42 15.65 -22.50 5.66
C SER A 42 14.32 -21.93 5.13
N HIS A 43 14.40 -20.80 4.44
CA HIS A 43 13.25 -20.18 3.78
C HIS A 43 12.16 -19.74 4.76
N THR A 44 12.57 -19.23 5.91
CA THR A 44 11.62 -18.74 6.91
C THR A 44 10.66 -17.70 6.33
N LYS A 45 11.20 -16.77 5.55
CA LYS A 45 10.37 -15.70 5.01
C LYS A 45 9.46 -16.21 3.89
N LEU A 46 10.01 -17.00 2.97
CA LEU A 46 9.20 -17.52 1.89
C LEU A 46 8.07 -18.39 2.42
N LYS A 47 8.37 -19.20 3.43
CA LYS A 47 7.34 -20.06 4.02
C LYS A 47 6.24 -19.24 4.66
N SER A 48 6.59 -18.16 5.33
CA SER A 48 5.56 -17.31 5.95
C SER A 48 4.68 -16.68 4.89
N LEU A 49 5.28 -16.35 3.73
CA LEU A 49 4.51 -15.78 2.62
C LEU A 49 3.61 -16.82 1.99
N GLN A 50 4.09 -18.06 1.88
CA GLN A 50 3.25 -19.15 1.38
C GLN A 50 2.08 -19.42 2.33
N GLU A 51 2.36 -19.39 3.64
CA GLU A 51 1.28 -19.51 4.62
C GLU A 51 0.25 -18.40 4.45
N LEU A 52 0.73 -17.18 4.27
CA LEU A 52 -0.16 -16.02 4.12
C LEU A 52 -1.12 -16.23 2.95
N SER A 53 -0.62 -16.76 1.84
CA SER A 53 -1.46 -16.95 0.66
C SER A 53 -2.61 -17.95 0.90
N GLU A 54 -2.48 -18.76 1.95
CA GLU A 54 -3.47 -19.78 2.27
C GLU A 54 -4.28 -19.45 3.52
N MSE A 55 -4.11 -18.28 4.10
CA MSE A 55 -4.78 -17.99 5.33
C MSE A 55 -6.24 -17.71 5.17
O MSE A 55 -6.63 -17.19 4.18
CB MSE A 55 -4.24 -16.74 5.99
CG MSE A 55 -3.12 -16.74 6.96
SE MSE A 55 -2.88 -18.21 8.25
CE MSE A 55 -0.87 -17.99 8.42
N ASP A 56 -7.02 -18.13 6.14
CA ASP A 56 -8.44 -17.84 6.19
C ASP A 56 -8.63 -16.33 6.39
N ILE A 57 -9.47 -15.69 5.58
CA ILE A 57 -9.59 -14.24 5.69
C ILE A 57 -10.33 -13.82 6.96
N ASN A 58 -10.85 -14.79 7.72
CA ASN A 58 -11.43 -14.47 9.03
C ASN A 58 -10.44 -14.58 10.17
N ALA A 59 -9.22 -15.02 9.86
CA ALA A 59 -8.21 -15.24 10.88
C ALA A 59 -7.36 -14.01 11.12
N THR A 60 -6.95 -13.80 12.37
CA THR A 60 -6.07 -12.66 12.70
C THR A 60 -4.93 -13.01 13.67
N SER A 61 -5.04 -14.14 14.36
CA SER A 61 -4.06 -14.48 15.39
CA SER A 61 -4.07 -14.49 15.39
C SER A 61 -2.64 -14.62 14.86
N PHE A 62 -2.49 -15.15 13.65
CA PHE A 62 -1.18 -15.36 13.06
C PHE A 62 -0.40 -14.06 12.93
N ALA A 63 -1.12 -12.95 12.84
CA ALA A 63 -0.51 -11.68 12.47
C ALA A 63 0.10 -10.96 13.66
N GLU A 64 -0.14 -11.44 14.87
CA GLU A 64 0.41 -10.76 16.01
C GLU A 64 1.83 -11.10 16.27
N HIS A 65 2.20 -12.35 16.07
CA HIS A 65 3.59 -12.77 16.18
C HIS A 65 4.02 -13.41 14.86
N SER A 66 4.50 -12.58 13.94
CA SER A 66 4.77 -13.02 12.57
C SER A 66 6.10 -12.46 12.05
N PRO A 67 6.79 -13.23 11.19
CA PRO A 67 7.97 -12.69 10.52
C PRO A 67 7.60 -11.79 9.33
N LEU A 68 6.32 -11.75 8.96
CA LEU A 68 5.88 -10.90 7.87
C LEU A 68 6.20 -9.44 8.13
N PRO A 69 6.42 -8.66 7.06
CA PRO A 69 6.63 -7.21 7.22
C PRO A 69 5.49 -6.55 7.99
N ASP A 70 5.82 -5.57 8.81
CA ASP A 70 4.81 -4.92 9.64
C ASP A 70 3.70 -4.28 8.82
N PHE A 71 4.01 -3.72 7.66
CA PHE A 71 2.96 -3.13 6.83
C PHE A 71 1.96 -4.18 6.39
N VAL A 72 2.43 -5.39 6.11
CA VAL A 72 1.58 -6.45 5.64
C VAL A 72 0.59 -6.86 6.75
N THR A 73 1.08 -7.05 7.97
CA THR A 73 0.19 -7.47 9.03
C THR A 73 -0.72 -6.33 9.51
N ARG A 74 -0.25 -5.09 9.43
CA ARG A 74 -1.10 -3.96 9.79
C ARG A 74 -2.24 -3.83 8.78
N LEU A 75 -1.93 -3.96 7.50
CA LEU A 75 -2.96 -3.87 6.47
C LEU A 75 -3.98 -4.99 6.61
N TRP A 76 -3.51 -6.20 6.92
CA TRP A 76 -4.42 -7.32 7.17
C TRP A 76 -5.33 -7.08 8.38
N LEU A 77 -4.72 -6.68 9.49
CA LEU A 77 -5.45 -6.57 10.75
C LEU A 77 -6.50 -5.46 10.73
N ASP A 78 -6.18 -4.34 10.10
CA ASP A 78 -7.08 -3.19 10.09
C ASP A 78 -6.81 -2.33 8.87
N PRO A 79 -7.39 -2.71 7.72
CA PRO A 79 -7.12 -2.03 6.45
C PRO A 79 -7.41 -0.54 6.50
N HIS A 80 -8.54 -0.16 7.08
CA HIS A 80 -8.91 1.25 7.11
C HIS A 80 -7.94 2.05 7.97
N LYS A 81 -7.48 1.46 9.06
CA LYS A 81 -6.49 2.12 9.90
C LYS A 81 -5.17 2.26 9.17
N ALA A 82 -4.82 1.25 8.39
CA ALA A 82 -3.54 1.25 7.65
C ALA A 82 -3.55 2.32 6.56
N LEU A 83 -4.71 2.50 5.94
CA LEU A 83 -4.88 3.51 4.90
C LEU A 83 -4.88 4.93 5.46
N ASP A 84 -4.79 5.04 6.79
CA ASP A 84 -4.73 6.35 7.44
C ASP A 84 -3.31 6.67 7.90
N ALA A 85 -2.53 5.63 8.19
CA ALA A 85 -1.12 5.82 8.51
C ALA A 85 -0.36 6.21 7.25
N MSE A 86 -1.00 5.99 6.10
CA MSE A 86 -0.37 6.20 4.81
C MSE A 86 -0.38 7.67 4.40
O MSE A 86 0.49 8.12 3.64
CB MSE A 86 -1.07 5.36 3.76
CG MSE A 86 -0.14 4.72 2.74
SE MSE A 86 -1.04 3.29 1.78
CE MSE A 86 0.50 2.50 0.92
N ASP A 87 -1.35 8.43 4.90
CA ASP A 87 -1.43 9.85 4.58
C ASP A 87 -1.13 10.73 5.80
N LYS A 88 -0.56 10.13 6.84
CA LYS A 88 -0.35 10.87 8.09
C LYS A 88 0.68 11.99 7.92
N ASN A 89 1.56 11.85 6.94
CA ASN A 89 2.61 12.84 6.71
C ASN A 89 2.21 13.88 5.68
N ILE A 90 0.94 13.89 5.28
CA ILE A 90 0.47 14.85 4.27
C ILE A 90 -0.37 15.95 4.91
N SER A 91 0.01 17.20 4.68
CA SER A 91 -0.70 18.31 5.31
C SER A 91 -1.77 18.89 4.42
N LYS A 92 -2.66 19.65 5.04
CA LYS A 92 -3.69 20.38 4.31
C LYS A 92 -3.02 21.35 3.34
N ASN A 93 -1.96 22.02 3.77
CA ASN A 93 -1.21 22.93 2.92
C ASN A 93 -0.65 22.25 1.67
N GLU A 94 -0.11 21.05 1.85
CA GLU A 94 0.47 20.30 0.73
C GLU A 94 -0.60 19.95 -0.30
N ILE A 95 -1.77 19.52 0.16
CA ILE A 95 -2.85 19.15 -0.75
C ILE A 95 -3.39 20.36 -1.48
N ARG A 96 -3.57 21.48 -0.79
CA ARG A 96 -4.11 22.65 -1.47
C ARG A 96 -3.09 23.17 -2.48
N LYS A 97 -1.80 23.09 -2.15
CA LYS A 97 -0.77 23.43 -3.13
C LYS A 97 -0.83 22.51 -4.35
N LEU A 98 -1.02 21.22 -4.12
CA LEU A 98 -1.15 20.27 -5.22
C LEU A 98 -2.34 20.62 -6.12
N ILE A 99 -3.46 20.97 -5.49
CA ILE A 99 -4.64 21.36 -6.25
C ILE A 99 -4.36 22.60 -7.11
N LYS A 100 -3.73 23.62 -6.54
CA LYS A 100 -3.40 24.83 -7.32
C LYS A 100 -2.44 24.51 -8.46
N GLU A 101 -1.42 23.71 -8.17
CA GLU A 101 -0.43 23.33 -9.18
C GLU A 101 -1.06 22.55 -10.32
N THR A 102 -1.97 21.65 -9.97
CA THR A 102 -2.64 20.82 -10.94
C THR A 102 -3.60 21.64 -11.79
N ALA A 103 -4.33 22.55 -11.14
CA ALA A 103 -5.22 23.46 -11.85
C ALA A 103 -4.46 24.25 -12.92
N ARG A 104 -3.28 24.74 -12.54
CA ARG A 104 -2.45 25.52 -13.46
C ARG A 104 -1.95 24.66 -14.62
N GLU A 105 -1.48 23.45 -14.31
CA GLU A 105 -1.02 22.52 -15.34
C GLU A 105 -2.12 22.22 -16.35
N ILE A 106 -3.31 21.90 -15.86
CA ILE A 106 -4.44 21.60 -16.71
C ILE A 106 -4.80 22.80 -17.57
N GLU A 107 -4.81 23.99 -16.97
CA GLU A 107 -5.10 25.22 -17.72
C GLU A 107 -4.15 25.35 -18.92
N LEU A 108 -2.86 25.16 -18.69
CA LEU A 108 -1.89 25.35 -19.76
C LEU A 108 -2.06 24.33 -20.89
N VAL A 109 -2.45 23.11 -20.54
CA VAL A 109 -2.67 22.08 -21.56
C VAL A 109 -3.98 22.32 -22.31
N PHE A 110 -5.04 22.58 -21.55
CA PHE A 110 -6.37 22.78 -22.13
C PHE A 110 -6.41 23.99 -23.06
N THR A 111 -5.65 25.03 -22.73
CA THR A 111 -5.60 26.23 -23.56
C THR A 111 -4.45 26.19 -24.57
N HIS A 112 -3.80 25.03 -24.68
CA HIS A 112 -2.76 24.80 -25.69
C HIS A 112 -1.58 25.76 -25.58
N GLN A 113 -1.23 26.11 -24.34
CA GLN A 113 -0.04 26.93 -24.08
C GLN A 113 1.18 26.05 -23.95
N LYS A 114 0.95 24.78 -23.59
CA LYS A 114 2.02 23.81 -23.42
C LYS A 114 1.74 22.59 -24.27
#